data_1MXC
#
_entry.id   1MXC
#
_cell.length_a   128.900
_cell.length_b   128.900
_cell.length_c   139.800
_cell.angle_alpha   90.00
_cell.angle_beta   90.00
_cell.angle_gamma   120.00
#
_symmetry.space_group_name_H-M   'P 62 2 2'
#
loop_
_entity.id
_entity.type
_entity.pdbx_description
1 polymer 'S-ADENOSYLMETHIONINE SYNTHETASE'
2 non-polymer 'PHOSPHATE ION'
3 non-polymer 'MAGNESIUM ION'
4 non-polymer 'POTASSIUM ION'
5 non-polymer "8-BROMOADENOSINE-5'-DIPHOSPHATE"
#
_entity_poly.entity_id   1
_entity_poly.type   'polypeptide(L)'
_entity_poly.pdbx_seq_one_letter_code
;AKHLFTSESVSEGHPDKIADQISDAVLDAILEQDPKARVACETYVKTGMVLVGGEITTSAWVDIEEITRNTVREIGYVHS
DMGFDANSCAVLSAIGKQSPDINQGVDRADPLEQGAGDQGLMFGYATNETDVLMPAPITYAHRLVQRQAEVRKNGTLPWL
RPDAKSQVTFQYDDGKIVGIDAVVLSTQHSEEIDQKSLQEAVMEEIIKPILPAEWLTSATKFFINPTGRFVIGGPMGDCG
LTGRKIIVDTYGGMARHGGGAFSGKDPSKVDRSAAYAARYVAKNIVAAGLADRCEIQVSYAIGVAEPTSIMVETFGTEKV
PSEQLTLLVREFFDLRPYGLIQMLDLLHPIYKETAAYGHFGREHFPWEKTDKAQLLRDAAGLK
;
_entity_poly.pdbx_strand_id   A
#
# COMPACT_ATOMS: atom_id res chain seq x y z
N ALA A 1 -27.15 -8.50 5.30
CA ALA A 1 -27.79 -7.55 6.15
C ALA A 1 -27.15 -6.28 5.60
N LYS A 2 -27.96 -5.24 5.47
CA LYS A 2 -27.43 -3.96 5.09
C LYS A 2 -26.56 -3.49 6.24
N HIS A 3 -25.38 -3.01 5.87
CA HIS A 3 -24.41 -2.49 6.80
C HIS A 3 -23.41 -1.76 5.95
N LEU A 4 -22.87 -0.67 6.49
CA LEU A 4 -22.02 0.24 5.76
C LEU A 4 -20.58 -0.01 6.16
N PHE A 5 -19.61 0.23 5.30
CA PHE A 5 -18.23 0.02 5.64
C PHE A 5 -17.44 1.04 4.87
N THR A 6 -16.54 1.68 5.60
CA THR A 6 -15.77 2.77 5.04
C THR A 6 -14.28 2.44 4.94
N SER A 7 -13.61 3.05 3.97
CA SER A 7 -12.17 3.02 3.91
C SER A 7 -11.65 4.34 3.34
N GLU A 8 -10.46 4.85 3.74
CA GLU A 8 -9.95 6.10 3.18
C GLU A 8 -8.76 5.78 2.28
N SER A 9 -8.32 6.73 1.45
CA SER A 9 -7.01 6.70 0.83
C SER A 9 -6.48 8.13 0.73
N VAL A 10 -5.21 8.30 0.39
CA VAL A 10 -4.60 9.62 0.24
C VAL A 10 -3.71 9.59 -0.99
N SER A 11 -3.40 10.74 -1.58
CA SER A 11 -2.52 10.79 -2.73
C SER A 11 -1.05 10.78 -2.33
N GLU A 12 -0.19 10.61 -3.33
CA GLU A 12 1.21 11.03 -3.28
C GLU A 12 1.19 12.49 -2.89
N GLY A 13 2.15 12.95 -2.12
CA GLY A 13 2.14 14.35 -1.73
C GLY A 13 1.29 14.66 -0.52
N HIS A 14 0.46 13.74 -0.06
CA HIS A 14 -0.01 13.77 1.31
C HIS A 14 1.22 13.54 2.21
N PRO A 15 1.56 14.30 3.26
CA PRO A 15 2.86 14.27 3.93
C PRO A 15 3.32 12.88 4.35
N ASP A 16 2.45 12.08 4.98
CA ASP A 16 2.83 10.74 5.41
C ASP A 16 3.33 9.91 4.24
N LYS A 17 2.63 10.03 3.11
CA LYS A 17 2.98 9.25 1.95
C LYS A 17 4.26 9.77 1.33
N ILE A 18 4.59 11.05 1.47
CA ILE A 18 5.83 11.59 0.90
C ILE A 18 6.97 10.88 1.61
N ALA A 19 6.84 10.79 2.93
CA ALA A 19 7.81 10.09 3.73
C ALA A 19 7.96 8.64 3.28
N ASP A 20 6.86 7.94 3.00
CA ASP A 20 6.90 6.56 2.53
C ASP A 20 7.68 6.47 1.23
N GLN A 21 7.26 7.25 0.25
CA GLN A 21 7.89 7.35 -1.05
C GLN A 21 9.38 7.62 -0.98
N ILE A 22 9.85 8.66 -0.29
CA ILE A 22 11.28 8.88 -0.10
C ILE A 22 11.99 7.66 0.48
N SER A 23 11.48 7.04 1.54
CA SER A 23 12.13 5.90 2.15
C SER A 23 12.32 4.84 1.10
N ASP A 24 11.21 4.44 0.47
CA ASP A 24 11.29 3.36 -0.50
C ASP A 24 12.14 3.75 -1.65
N ALA A 25 12.18 5.02 -2.02
CA ALA A 25 13.06 5.46 -3.07
C ALA A 25 14.52 5.29 -2.69
N VAL A 26 14.91 5.49 -1.42
CA VAL A 26 16.25 5.17 -0.97
C VAL A 26 16.49 3.66 -1.00
N LEU A 27 15.52 2.86 -0.57
CA LEU A 27 15.62 1.41 -0.60
C LEU A 27 15.88 0.98 -2.02
N ASP A 28 15.10 1.43 -2.99
CA ASP A 28 15.30 1.07 -4.36
C ASP A 28 16.71 1.41 -4.81
N ALA A 29 17.10 2.66 -4.61
CA ALA A 29 18.42 3.11 -5.02
C ALA A 29 19.56 2.26 -4.47
N ILE A 30 19.43 1.75 -3.24
CA ILE A 30 20.46 0.92 -2.64
C ILE A 30 20.35 -0.46 -3.24
N LEU A 31 19.15 -1.02 -3.28
CA LEU A 31 18.89 -2.34 -3.82
C LEU A 31 19.36 -2.53 -5.25
N GLU A 32 19.30 -1.49 -6.07
CA GLU A 32 19.80 -1.52 -7.43
C GLU A 32 21.31 -1.67 -7.49
N GLN A 33 22.02 -1.15 -6.50
CA GLN A 33 23.45 -1.36 -6.46
C GLN A 33 23.78 -2.65 -5.72
N ASP A 34 23.09 -2.92 -4.63
CA ASP A 34 23.40 -4.04 -3.78
C ASP A 34 22.07 -4.67 -3.41
N PRO A 35 21.57 -5.65 -4.12
CA PRO A 35 20.31 -6.31 -3.79
C PRO A 35 20.25 -7.07 -2.48
N LYS A 36 21.39 -7.38 -1.88
CA LYS A 36 21.34 -8.11 -0.64
C LYS A 36 21.41 -7.13 0.54
N ALA A 37 21.56 -5.83 0.29
CA ALA A 37 21.59 -4.79 1.30
C ALA A 37 20.51 -4.94 2.33
N ARG A 38 20.83 -4.59 3.57
CA ARG A 38 19.81 -4.61 4.59
C ARG A 38 19.52 -3.16 4.84
N VAL A 39 18.30 -2.64 4.64
CA VAL A 39 18.02 -1.26 5.02
C VAL A 39 16.83 -1.17 5.98
N ALA A 40 16.82 -0.12 6.80
CA ALA A 40 15.71 0.25 7.66
C ALA A 40 15.74 1.76 7.71
N CYS A 41 15.21 2.40 6.66
CA CYS A 41 15.22 3.85 6.47
C CYS A 41 13.91 4.57 6.82
N GLU A 42 13.89 5.34 7.92
CA GLU A 42 12.73 6.06 8.40
C GLU A 42 12.80 7.56 8.09
N THR A 43 11.72 8.20 7.69
CA THR A 43 11.71 9.57 7.19
C THR A 43 10.68 10.46 7.88
N TYR A 44 11.01 11.73 8.04
CA TYR A 44 10.17 12.67 8.76
C TYR A 44 10.15 13.93 7.92
N VAL A 45 9.00 14.43 7.51
CA VAL A 45 8.92 15.68 6.79
C VAL A 45 8.09 16.62 7.64
N LYS A 46 8.48 17.87 7.60
CA LYS A 46 7.88 18.97 8.34
C LYS A 46 8.17 20.15 7.42
N THR A 47 7.67 21.35 7.70
CA THR A 47 7.55 22.36 6.67
C THR A 47 8.83 22.73 5.91
N GLY A 48 9.97 22.82 6.58
CA GLY A 48 11.14 23.19 5.83
C GLY A 48 11.97 22.00 5.41
N MET A 49 11.63 20.77 5.80
CA MET A 49 12.68 19.80 6.01
C MET A 49 12.19 18.39 5.88
N VAL A 50 13.16 17.59 5.43
CA VAL A 50 13.01 16.17 5.34
C VAL A 50 14.18 15.63 6.16
N LEU A 51 13.97 14.77 7.17
CA LEU A 51 15.06 14.09 7.84
C LEU A 51 14.92 12.66 7.33
N VAL A 52 16.03 12.07 6.86
CA VAL A 52 16.02 10.71 6.35
C VAL A 52 16.99 10.08 7.30
N GLY A 53 16.54 9.11 8.06
CA GLY A 53 17.28 8.60 9.18
C GLY A 53 17.10 7.10 9.17
N GLY A 54 18.17 6.39 9.48
CA GLY A 54 18.21 5.02 9.04
C GLY A 54 19.24 4.18 9.73
N GLU A 55 19.10 2.88 9.65
CA GLU A 55 20.26 2.01 9.66
C GLU A 55 20.35 1.22 8.35
N ILE A 56 21.53 1.21 7.72
CA ILE A 56 21.74 0.67 6.38
C ILE A 56 23.00 -0.17 6.43
N THR A 57 22.97 -1.46 6.12
CA THR A 57 24.21 -2.17 5.96
C THR A 57 24.34 -2.60 4.51
N THR A 58 25.29 -1.96 3.82
CA THR A 58 25.43 -2.13 2.39
C THR A 58 26.84 -1.71 2.00
N SER A 59 27.22 -2.24 0.85
CA SER A 59 28.39 -1.76 0.15
C SER A 59 28.09 -0.47 -0.60
N ALA A 60 26.86 -0.27 -1.10
CA ALA A 60 26.49 0.86 -1.96
C ALA A 60 26.79 2.26 -1.45
N TRP A 61 26.87 3.19 -2.39
CA TRP A 61 26.95 4.60 -2.07
C TRP A 61 25.80 5.20 -2.85
N VAL A 62 25.01 6.03 -2.18
CA VAL A 62 23.84 6.57 -2.83
C VAL A 62 23.66 7.99 -2.29
N ASP A 63 23.15 8.91 -3.09
CA ASP A 63 23.00 10.29 -2.65
C ASP A 63 21.62 10.60 -2.04
N ILE A 64 21.56 10.54 -0.72
CA ILE A 64 20.30 10.73 0.00
C ILE A 64 19.65 12.07 -0.36
N GLU A 65 20.46 13.11 -0.49
CA GLU A 65 19.97 14.46 -0.72
C GLU A 65 19.31 14.48 -2.10
N GLU A 66 20.00 13.96 -3.12
CA GLU A 66 19.52 13.99 -4.48
C GLU A 66 18.25 13.15 -4.57
N ILE A 67 18.30 11.89 -4.14
CA ILE A 67 17.13 11.02 -4.10
C ILE A 67 15.89 11.68 -3.48
N THR A 68 16.04 12.32 -2.31
CA THR A 68 14.94 13.01 -1.65
C THR A 68 14.36 14.07 -2.58
N ARG A 69 15.23 14.93 -3.15
CA ARG A 69 14.75 16.09 -3.90
C ARG A 69 14.03 15.68 -5.15
N ASN A 70 14.56 14.63 -5.77
CA ASN A 70 13.96 14.13 -6.98
C ASN A 70 12.60 13.53 -6.69
N THR A 71 12.46 12.81 -5.57
CA THR A 71 11.15 12.30 -5.18
C THR A 71 10.17 13.42 -4.89
N VAL A 72 10.62 14.52 -4.27
CA VAL A 72 9.72 15.62 -3.96
C VAL A 72 9.27 16.34 -5.22
N ARG A 73 10.14 16.43 -6.21
CA ARG A 73 9.78 17.04 -7.47
C ARG A 73 8.82 16.20 -8.30
N GLU A 74 8.88 14.86 -8.40
CA GLU A 74 7.92 14.11 -9.22
C GLU A 74 6.52 14.21 -8.63
N ILE A 75 6.48 14.27 -7.30
CA ILE A 75 5.25 14.50 -6.58
C ILE A 75 4.70 15.88 -6.94
N GLY A 76 5.57 16.88 -7.12
CA GLY A 76 5.14 18.17 -7.64
C GLY A 76 5.39 19.36 -6.71
N TYR A 77 6.04 19.21 -5.57
CA TYR A 77 6.16 20.33 -4.66
C TYR A 77 7.41 21.05 -5.07
N VAL A 78 7.19 22.10 -5.84
CA VAL A 78 8.30 22.76 -6.52
C VAL A 78 8.26 24.31 -6.48
N HIS A 79 7.63 24.88 -5.45
CA HIS A 79 7.51 26.33 -5.28
C HIS A 79 6.89 26.62 -3.93
N SER A 80 7.34 27.65 -3.21
CA SER A 80 6.86 27.90 -1.87
C SER A 80 5.36 28.11 -1.68
N ASP A 81 4.70 28.63 -2.72
CA ASP A 81 3.26 28.86 -2.76
C ASP A 81 2.46 27.57 -2.56
N MET A 82 3.02 26.44 -2.98
CA MET A 82 2.40 25.16 -2.70
C MET A 82 2.41 24.77 -1.23
N GLY A 83 3.43 25.24 -0.54
CA GLY A 83 3.72 24.77 0.79
C GLY A 83 5.17 24.34 0.92
N PHE A 84 5.77 23.76 -0.12
CA PHE A 84 7.03 23.06 0.06
C PHE A 84 7.75 23.09 -1.29
N ASP A 85 9.02 23.48 -1.35
CA ASP A 85 9.79 23.39 -2.60
C ASP A 85 10.87 22.32 -2.52
N ALA A 86 10.86 21.40 -3.48
CA ALA A 86 11.85 20.33 -3.58
C ALA A 86 13.23 20.90 -3.73
N ASN A 87 13.39 22.04 -4.41
CA ASN A 87 14.72 22.51 -4.74
C ASN A 87 15.31 23.37 -3.64
N SER A 88 14.52 23.94 -2.75
CA SER A 88 15.11 24.68 -1.65
C SER A 88 14.87 24.08 -0.27
N CYS A 89 14.08 23.02 -0.05
CA CYS A 89 13.92 22.53 1.32
C CYS A 89 15.19 21.92 1.91
N ALA A 90 15.28 21.83 3.23
CA ALA A 90 16.44 21.24 3.88
C ALA A 90 16.28 19.73 3.87
N VAL A 91 17.38 19.01 3.61
CA VAL A 91 17.37 17.56 3.61
C VAL A 91 18.45 17.22 4.64
N LEU A 92 18.17 16.46 5.68
CA LEU A 92 19.14 16.08 6.67
C LEU A 92 19.23 14.57 6.69
N SER A 93 20.41 14.00 6.86
CA SER A 93 20.55 12.56 6.99
C SER A 93 21.15 12.17 8.33
N ALA A 94 20.63 11.09 8.89
CA ALA A 94 21.21 10.49 10.07
C ALA A 94 21.15 8.97 9.89
N ILE A 95 21.85 8.47 8.86
CA ILE A 95 21.79 7.07 8.50
C ILE A 95 23.10 6.44 8.91
N GLY A 96 23.05 5.48 9.82
CA GLY A 96 24.25 4.77 10.21
C GLY A 96 24.49 3.74 9.13
N LYS A 97 25.68 3.76 8.55
CA LYS A 97 26.05 2.77 7.56
C LYS A 97 26.93 1.75 8.29
N GLN A 98 26.71 0.49 7.96
CA GLN A 98 27.66 -0.55 8.25
C GLN A 98 27.90 -1.13 6.86
N SER A 99 29.11 -1.58 6.61
CA SER A 99 29.35 -2.34 5.39
C SER A 99 29.54 -3.77 5.90
N PRO A 100 29.21 -4.83 5.15
CA PRO A 100 29.27 -6.22 5.62
C PRO A 100 30.68 -6.65 5.96
N ASP A 101 30.71 -7.68 6.81
CA ASP A 101 31.91 -8.36 7.24
C ASP A 101 32.35 -9.35 6.14
N ILE A 102 33.51 -9.31 5.73
N ARG A 108 22.91 -20.78 8.43
CA ARG A 108 22.71 -22.17 8.76
C ARG A 108 23.34 -22.89 7.57
N ALA A 109 23.23 -24.20 7.38
CA ALA A 109 23.82 -24.83 6.21
C ALA A 109 22.99 -24.48 4.98
N ASP A 110 21.65 -24.58 5.10
CA ASP A 110 20.74 -24.18 4.02
C ASP A 110 20.41 -22.73 4.28
N PRO A 111 20.65 -21.82 3.35
CA PRO A 111 20.23 -20.44 3.45
C PRO A 111 18.75 -20.36 3.71
N LEU A 112 17.93 -21.21 3.09
CA LEU A 112 16.50 -21.19 3.34
C LEU A 112 16.15 -21.39 4.81
N GLU A 113 17.00 -22.02 5.59
CA GLU A 113 16.68 -22.25 6.97
C GLU A 113 17.05 -21.06 7.85
N GLN A 114 17.57 -19.94 7.33
CA GLN A 114 17.89 -18.78 8.15
C GLN A 114 16.60 -18.34 8.80
N GLY A 115 16.73 -18.19 10.12
CA GLY A 115 15.66 -17.73 10.98
C GLY A 115 15.26 -16.27 10.77
N ALA A 116 14.08 -15.96 11.28
CA ALA A 116 13.48 -14.65 11.13
C ALA A 116 14.19 -13.61 11.97
N GLY A 117 14.47 -12.46 11.36
CA GLY A 117 14.99 -11.29 12.06
C GLY A 117 13.83 -10.40 12.46
N ASP A 118 13.64 -10.42 13.77
CA ASP A 118 12.49 -9.88 14.50
C ASP A 118 11.29 -10.81 14.39
N GLN A 119 10.60 -10.75 15.52
CA GLN A 119 9.35 -11.38 15.86
C GLN A 119 8.19 -10.67 15.12
N GLY A 120 6.96 -11.20 15.14
CA GLY A 120 5.83 -10.39 14.72
C GLY A 120 4.68 -11.20 14.16
N LEU A 121 3.66 -10.50 13.66
CA LEU A 121 2.48 -11.08 13.01
C LEU A 121 2.13 -10.29 11.77
N MET A 122 1.65 -10.98 10.76
CA MET A 122 1.31 -10.41 9.47
C MET A 122 -0.01 -11.04 9.05
N PHE A 123 -0.84 -10.31 8.28
CA PHE A 123 -2.17 -10.72 7.86
C PHE A 123 -2.29 -10.47 6.38
N GLY A 124 -3.05 -11.28 5.67
CA GLY A 124 -3.23 -11.07 4.24
C GLY A 124 -4.67 -11.42 3.91
N TYR A 125 -5.25 -10.82 2.88
CA TYR A 125 -6.66 -11.01 2.60
C TYR A 125 -6.90 -10.99 1.11
N ALA A 126 -7.97 -11.67 0.72
CA ALA A 126 -8.53 -11.53 -0.60
C ALA A 126 -10.01 -11.84 -0.50
N THR A 127 -10.73 -11.38 -1.50
CA THR A 127 -12.17 -11.55 -1.58
C THR A 127 -12.47 -11.53 -3.05
N ASN A 128 -13.45 -12.31 -3.44
CA ASN A 128 -13.91 -12.27 -4.82
C ASN A 128 -14.68 -11.00 -5.14
N GLU A 129 -14.92 -10.06 -4.24
CA GLU A 129 -15.70 -8.86 -4.57
C GLU A 129 -15.09 -7.81 -5.50
N THR A 130 -13.82 -7.79 -5.92
CA THR A 130 -13.48 -6.99 -7.09
C THR A 130 -12.78 -7.85 -8.11
N ASP A 131 -12.68 -7.24 -9.29
CA ASP A 131 -11.86 -7.69 -10.40
C ASP A 131 -10.47 -8.09 -9.90
N VAL A 132 -9.86 -7.31 -9.00
CA VAL A 132 -8.51 -7.52 -8.49
C VAL A 132 -8.39 -8.33 -7.20
N LEU A 133 -9.49 -8.94 -6.79
CA LEU A 133 -9.52 -9.77 -5.59
C LEU A 133 -9.17 -9.01 -4.31
N MET A 134 -9.62 -7.77 -4.34
CA MET A 134 -9.41 -6.81 -3.27
C MET A 134 -10.74 -6.31 -2.78
N PRO A 135 -10.91 -5.77 -1.58
CA PRO A 135 -12.17 -5.18 -1.14
C PRO A 135 -12.59 -3.99 -2.00
N ALA A 136 -13.88 -3.83 -2.31
CA ALA A 136 -14.36 -2.73 -3.11
C ALA A 136 -14.02 -1.37 -2.54
N PRO A 137 -14.22 -1.04 -1.24
CA PRO A 137 -13.88 0.25 -0.65
C PRO A 137 -12.48 0.74 -0.95
N ILE A 138 -11.48 0.07 -0.40
CA ILE A 138 -10.11 0.52 -0.59
C ILE A 138 -9.69 0.58 -2.07
N THR A 139 -10.23 -0.31 -2.90
CA THR A 139 -9.99 -0.26 -4.34
C THR A 139 -10.48 1.06 -4.97
N TYR A 140 -11.73 1.50 -4.69
CA TYR A 140 -12.23 2.73 -5.29
C TYR A 140 -11.61 3.94 -4.64
N ALA A 141 -11.47 3.86 -3.32
CA ALA A 141 -10.83 4.90 -2.55
C ALA A 141 -9.48 5.26 -3.15
N HIS A 142 -8.61 4.26 -3.34
CA HIS A 142 -7.35 4.48 -4.03
C HIS A 142 -7.58 5.01 -5.43
N ARG A 143 -8.50 4.43 -6.21
CA ARG A 143 -8.77 4.85 -7.58
C ARG A 143 -9.18 6.32 -7.68
N LEU A 144 -9.86 6.89 -6.68
CA LEU A 144 -10.11 8.31 -6.67
C LEU A 144 -8.86 9.17 -6.57
N VAL A 145 -8.00 8.89 -5.58
CA VAL A 145 -6.79 9.69 -5.40
C VAL A 145 -5.83 9.53 -6.54
N GLN A 146 -5.78 8.33 -7.13
CA GLN A 146 -4.92 8.09 -8.27
C GLN A 146 -5.34 8.87 -9.51
N ARG A 147 -6.66 8.89 -9.70
CA ARG A 147 -7.27 9.68 -10.75
C ARG A 147 -6.97 11.14 -10.49
N GLN A 148 -7.02 11.57 -9.22
CA GLN A 148 -6.70 12.95 -8.93
C GLN A 148 -5.29 13.29 -9.39
N ALA A 149 -4.30 12.48 -8.97
CA ALA A 149 -2.92 12.68 -9.37
C ALA A 149 -2.82 12.70 -10.89
N GLU A 150 -3.51 11.80 -11.59
CA GLU A 150 -3.50 11.70 -13.04
C GLU A 150 -3.96 13.01 -13.69
N VAL A 151 -5.15 13.52 -13.38
CA VAL A 151 -5.67 14.71 -14.04
C VAL A 151 -4.89 15.95 -13.63
N ARG A 152 -4.25 15.86 -12.47
CA ARG A 152 -3.35 16.91 -12.02
C ARG A 152 -2.18 16.88 -12.96
N LYS A 153 -1.56 15.71 -13.06
CA LYS A 153 -0.31 15.58 -13.74
C LYS A 153 -0.49 15.68 -15.24
N ASN A 154 -1.65 15.38 -15.83
CA ASN A 154 -1.79 15.38 -17.29
C ASN A 154 -2.29 16.71 -17.88
N GLY A 155 -2.28 17.80 -17.10
CA GLY A 155 -2.60 19.10 -17.63
C GLY A 155 -4.10 19.31 -17.68
N THR A 156 -4.94 18.28 -17.60
CA THR A 156 -6.38 18.44 -17.69
C THR A 156 -6.91 19.38 -16.62
N LEU A 157 -6.56 19.14 -15.39
CA LEU A 157 -7.16 19.89 -14.31
C LEU A 157 -6.08 20.63 -13.52
N PRO A 158 -5.23 21.41 -14.19
CA PRO A 158 -3.94 21.82 -13.67
C PRO A 158 -3.95 22.87 -12.56
N TRP A 159 -5.12 23.25 -12.07
CA TRP A 159 -5.18 24.09 -10.88
C TRP A 159 -5.12 23.23 -9.63
N LEU A 160 -5.29 21.90 -9.75
CA LEU A 160 -5.10 20.94 -8.68
C LEU A 160 -3.66 20.97 -8.13
N ARG A 161 -3.42 20.84 -6.83
CA ARG A 161 -2.06 20.77 -6.32
C ARG A 161 -1.82 19.38 -5.73
N PRO A 162 -0.69 18.92 -5.17
CA PRO A 162 -0.51 17.52 -4.74
C PRO A 162 -1.37 16.83 -3.67
N ASP A 163 -1.65 17.50 -2.56
CA ASP A 163 -2.24 16.85 -1.41
C ASP A 163 -3.71 16.57 -1.66
N ALA A 164 -4.23 15.46 -1.17
CA ALA A 164 -5.60 15.03 -1.42
C ALA A 164 -5.94 13.78 -0.64
N LYS A 165 -7.18 13.70 -0.15
CA LYS A 165 -7.65 12.56 0.62
C LYS A 165 -9.00 12.17 0.06
N SER A 166 -9.29 10.87 0.00
CA SER A 166 -10.58 10.37 -0.43
C SER A 166 -11.06 9.40 0.62
N GLN A 167 -12.34 9.08 0.58
CA GLN A 167 -12.92 8.11 1.48
C GLN A 167 -14.24 7.75 0.82
N VAL A 168 -14.55 6.46 0.74
CA VAL A 168 -15.82 6.03 0.20
C VAL A 168 -16.46 5.03 1.15
N THR A 169 -17.77 5.16 1.39
CA THR A 169 -18.51 4.24 2.23
C THR A 169 -19.52 3.46 1.41
N PHE A 170 -19.39 2.15 1.54
CA PHE A 170 -20.13 1.22 0.72
C PHE A 170 -21.21 0.60 1.56
N GLN A 171 -22.38 0.38 0.97
CA GLN A 171 -23.39 -0.40 1.64
C GLN A 171 -23.36 -1.75 0.97
N TYR A 172 -23.24 -2.72 1.85
CA TYR A 172 -23.33 -4.11 1.48
C TYR A 172 -24.61 -4.61 2.12
N ASP A 173 -25.26 -5.53 1.43
CA ASP A 173 -26.24 -6.40 2.01
C ASP A 173 -25.80 -7.78 1.61
N ASP A 174 -25.97 -8.81 2.40
CA ASP A 174 -24.74 -9.43 2.85
C ASP A 174 -23.79 -10.03 1.86
N GLY A 175 -22.62 -9.40 1.92
CA GLY A 175 -21.54 -9.61 0.99
C GLY A 175 -21.78 -9.04 -0.41
N LYS A 176 -23.00 -8.68 -0.81
CA LYS A 176 -23.19 -8.01 -2.08
C LYS A 176 -22.90 -6.57 -1.75
N ILE A 177 -21.90 -6.01 -2.41
CA ILE A 177 -21.82 -4.57 -2.51
C ILE A 177 -23.10 -4.17 -3.20
N VAL A 178 -23.97 -3.47 -2.50
CA VAL A 178 -25.16 -2.96 -3.12
C VAL A 178 -24.90 -1.60 -3.74
N GLY A 179 -24.07 -0.72 -3.16
CA GLY A 179 -23.82 0.60 -3.76
C GLY A 179 -23.05 1.53 -2.83
N ILE A 180 -22.92 2.79 -3.22
CA ILE A 180 -22.10 3.74 -2.49
C ILE A 180 -23.01 4.70 -1.76
N ASP A 181 -22.96 4.70 -0.44
CA ASP A 181 -23.73 5.64 0.35
C ASP A 181 -23.06 7.02 0.26
N ALA A 182 -21.81 7.16 0.66
CA ALA A 182 -21.16 8.46 0.60
C ALA A 182 -19.75 8.40 0.04
N VAL A 183 -19.31 9.54 -0.49
CA VAL A 183 -17.98 9.69 -1.05
C VAL A 183 -17.52 11.08 -0.69
N VAL A 184 -16.34 11.21 -0.11
CA VAL A 184 -15.80 12.49 0.28
C VAL A 184 -14.48 12.64 -0.47
N LEU A 185 -14.09 13.80 -0.99
CA LEU A 185 -12.80 13.97 -1.65
C LEU A 185 -12.34 15.41 -1.46
N SER A 186 -11.07 15.62 -1.16
CA SER A 186 -10.61 16.94 -0.80
C SER A 186 -9.28 17.14 -1.50
N THR A 187 -9.09 18.22 -2.25
CA THR A 187 -7.89 18.43 -3.06
C THR A 187 -7.28 19.78 -2.82
N GLN A 188 -5.97 19.81 -2.68
CA GLN A 188 -5.27 21.07 -2.60
C GLN A 188 -5.45 21.71 -3.96
N HIS A 189 -5.57 23.02 -4.07
CA HIS A 189 -5.78 23.63 -5.37
C HIS A 189 -5.08 24.97 -5.41
N SER A 190 -4.96 25.61 -6.58
CA SER A 190 -4.35 26.93 -6.67
C SER A 190 -5.37 27.97 -6.24
N GLU A 191 -4.88 29.17 -6.00
CA GLU A 191 -5.68 30.31 -5.63
C GLU A 191 -6.49 30.76 -6.87
N GLU A 192 -6.17 30.22 -8.05
CA GLU A 192 -6.79 30.62 -9.30
C GLU A 192 -8.24 30.13 -9.38
N ILE A 193 -8.52 28.92 -8.93
CA ILE A 193 -9.85 28.33 -9.10
C ILE A 193 -10.78 28.64 -7.94
N ASP A 194 -12.09 28.64 -8.17
CA ASP A 194 -13.05 28.74 -7.08
C ASP A 194 -13.66 27.40 -6.81
N GLN A 195 -14.09 27.25 -5.57
CA GLN A 195 -14.86 26.14 -5.07
C GLN A 195 -15.98 25.60 -5.89
N LYS A 196 -16.91 26.40 -6.37
CA LYS A 196 -18.03 25.84 -7.12
C LYS A 196 -17.52 25.35 -8.47
N SER A 197 -16.57 26.09 -9.06
CA SER A 197 -15.92 25.66 -10.29
C SER A 197 -15.16 24.35 -10.03
N LEU A 198 -14.55 24.22 -8.85
CA LEU A 198 -13.77 23.05 -8.48
C LEU A 198 -14.64 21.83 -8.39
N GLN A 199 -15.74 21.89 -7.63
CA GLN A 199 -16.56 20.72 -7.45
C GLN A 199 -17.36 20.28 -8.67
N GLU A 200 -17.49 21.12 -9.71
CA GLU A 200 -17.94 20.68 -11.03
C GLU A 200 -16.85 19.74 -11.60
N ALA A 201 -15.59 20.18 -11.67
CA ALA A 201 -14.53 19.42 -12.31
C ALA A 201 -14.18 18.13 -11.59
N VAL A 202 -14.11 18.17 -10.24
CA VAL A 202 -13.86 16.98 -9.44
C VAL A 202 -14.95 15.95 -9.71
N MET A 203 -16.21 16.40 -9.75
CA MET A 203 -17.32 15.54 -10.05
C MET A 203 -17.21 14.96 -11.46
N GLU A 204 -17.02 15.77 -12.50
CA GLU A 204 -17.02 15.28 -13.87
C GLU A 204 -15.80 14.46 -14.21
N GLU A 205 -14.61 15.03 -13.96
CA GLU A 205 -13.33 14.44 -14.32
C GLU A 205 -12.68 13.47 -13.34
N ILE A 206 -13.03 13.55 -12.05
CA ILE A 206 -12.44 12.66 -11.08
C ILE A 206 -13.44 11.62 -10.60
N ILE A 207 -14.56 11.98 -9.98
CA ILE A 207 -15.51 11.02 -9.42
C ILE A 207 -16.33 10.25 -10.47
N LYS A 208 -17.00 10.94 -11.37
CA LYS A 208 -17.88 10.30 -12.35
C LYS A 208 -17.20 9.27 -13.23
N PRO A 209 -15.93 9.36 -13.64
CA PRO A 209 -15.31 8.29 -14.41
C PRO A 209 -14.83 7.13 -13.54
N ILE A 210 -14.84 7.16 -12.19
CA ILE A 210 -14.25 6.07 -11.43
C ILE A 210 -15.32 5.25 -10.73
N LEU A 211 -16.30 5.88 -10.12
CA LEU A 211 -17.24 5.16 -9.30
C LEU A 211 -18.26 4.58 -10.25
N PRO A 212 -18.53 3.27 -10.19
CA PRO A 212 -19.48 2.60 -11.09
C PRO A 212 -20.87 3.22 -10.97
N ALA A 213 -21.47 3.61 -12.10
CA ALA A 213 -22.66 4.46 -12.07
C ALA A 213 -23.87 3.81 -11.41
N GLU A 214 -24.04 2.51 -11.59
CA GLU A 214 -25.05 1.72 -10.94
C GLU A 214 -24.95 1.78 -9.43
N TRP A 215 -23.73 1.89 -8.92
CA TRP A 215 -23.52 2.12 -7.50
C TRP A 215 -23.88 3.50 -7.04
N LEU A 216 -23.88 4.47 -7.94
CA LEU A 216 -24.17 5.84 -7.57
C LEU A 216 -25.65 6.13 -7.72
N THR A 217 -26.26 6.60 -6.64
CA THR A 217 -27.69 6.79 -6.65
C THR A 217 -27.98 8.26 -6.45
N SER A 218 -29.29 8.48 -6.49
CA SER A 218 -29.90 9.73 -6.08
C SER A 218 -29.53 10.03 -4.63
N ALA A 219 -29.29 9.00 -3.82
CA ALA A 219 -29.04 9.20 -2.40
C ALA A 219 -27.56 9.39 -2.05
N THR A 220 -26.65 9.27 -3.01
CA THR A 220 -25.25 9.23 -2.67
C THR A 220 -24.75 10.61 -2.21
N LYS A 221 -24.36 10.73 -0.94
CA LYS A 221 -23.91 11.98 -0.35
C LYS A 221 -22.46 12.26 -0.78
N PHE A 222 -22.22 13.19 -1.69
CA PHE A 222 -20.86 13.48 -2.12
C PHE A 222 -20.37 14.68 -1.32
N PHE A 223 -19.18 14.64 -0.74
CA PHE A 223 -18.65 15.78 -0.03
C PHE A 223 -17.35 16.10 -0.72
N ILE A 224 -17.35 16.99 -1.68
CA ILE A 224 -16.13 17.41 -2.35
C ILE A 224 -15.63 18.67 -1.64
N ASN A 225 -14.37 18.80 -1.22
CA ASN A 225 -13.87 19.92 -0.42
C ASN A 225 -14.82 20.50 0.62
N PRO A 226 -15.32 19.72 1.59
CA PRO A 226 -16.37 20.13 2.49
C PRO A 226 -16.07 21.38 3.30
N THR A 227 -14.86 21.65 3.76
CA THR A 227 -14.58 22.91 4.43
C THR A 227 -14.07 23.96 3.44
N GLY A 228 -13.90 23.54 2.21
CA GLY A 228 -12.53 23.39 1.81
C GLY A 228 -12.13 24.55 0.95
N ARG A 229 -11.26 25.45 1.34
CA ARG A 229 -10.36 25.96 0.34
C ARG A 229 -8.98 25.48 0.72
N PHE A 230 -8.71 24.30 0.22
CA PHE A 230 -7.43 23.68 0.44
C PHE A 230 -6.40 24.30 -0.50
N VAL A 231 -5.55 25.23 -0.04
CA VAL A 231 -4.61 25.91 -0.92
C VAL A 231 -3.14 25.62 -0.66
N ILE A 232 -2.61 25.78 0.55
CA ILE A 232 -1.27 25.26 0.90
C ILE A 232 -1.51 23.88 1.46
N GLY A 233 -0.54 23.01 1.32
CA GLY A 233 -0.74 21.65 1.77
C GLY A 233 0.61 21.02 1.78
N GLY A 234 0.58 19.69 1.74
CA GLY A 234 1.78 18.91 1.94
C GLY A 234 2.39 19.27 3.28
N PRO A 235 3.70 19.15 3.45
CA PRO A 235 4.38 19.40 4.70
C PRO A 235 4.08 20.72 5.40
N MET A 236 3.56 21.78 4.78
CA MET A 236 3.15 22.96 5.56
C MET A 236 2.04 22.64 6.55
N GLY A 237 2.44 22.63 7.82
CA GLY A 237 1.54 22.56 8.94
C GLY A 237 0.96 21.16 9.18
N ASP A 238 1.11 20.15 8.31
CA ASP A 238 0.89 18.75 8.71
C ASP A 238 2.33 18.24 8.89
N CYS A 239 2.61 16.93 8.99
CA CYS A 239 3.91 16.40 9.38
C CYS A 239 3.88 14.94 8.94
N GLY A 240 4.82 14.44 8.13
CA GLY A 240 4.72 13.10 7.58
C GLY A 240 5.78 12.21 8.17
N LEU A 241 5.44 10.96 8.48
CA LEU A 241 6.41 9.99 8.99
C LEU A 241 6.13 8.67 8.30
N THR A 242 7.13 7.85 8.00
CA THR A 242 6.85 6.57 7.35
C THR A 242 6.02 5.59 8.18
N GLY A 243 5.15 4.86 7.52
CA GLY A 243 4.47 3.81 8.23
C GLY A 243 3.28 4.37 8.95
N ARG A 244 2.88 5.61 8.69
CA ARG A 244 1.63 6.10 9.25
C ARG A 244 0.42 5.81 8.36
N LYS A 245 0.51 5.76 7.03
CA LYS A 245 -0.61 5.23 6.22
C LYS A 245 -0.65 3.71 6.00
N ILE A 246 -0.18 3.02 7.01
CA ILE A 246 -0.27 1.58 7.19
C ILE A 246 -1.59 0.90 6.81
N ILE A 247 -2.80 1.27 7.27
CA ILE A 247 -4.05 0.69 6.77
C ILE A 247 -4.34 0.88 5.28
N VAL A 248 -4.17 2.13 4.84
CA VAL A 248 -4.35 2.51 3.45
C VAL A 248 -3.48 1.70 2.54
N ASP A 249 -2.24 1.54 2.97
CA ASP A 249 -1.31 0.64 2.33
C ASP A 249 -1.81 -0.77 2.06
N THR A 250 -2.35 -1.37 3.11
CA THR A 250 -3.02 -2.65 3.12
C THR A 250 -4.39 -2.80 2.42
N TYR A 251 -5.51 -2.53 3.10
CA TYR A 251 -6.82 -3.11 2.73
C TYR A 251 -7.95 -2.23 3.25
N GLY A 252 -7.65 -0.98 3.56
CA GLY A 252 -8.66 -0.06 4.06
C GLY A 252 -9.38 -0.52 5.31
N GLY A 253 -8.78 -1.45 6.07
CA GLY A 253 -9.40 -1.89 7.28
C GLY A 253 -10.50 -2.92 7.04
N MET A 254 -10.62 -3.52 5.86
CA MET A 254 -11.49 -4.69 5.70
C MET A 254 -11.01 -5.90 6.51
N ALA A 255 -9.70 -6.16 6.44
CA ALA A 255 -9.07 -7.22 7.21
C ALA A 255 -8.12 -6.63 8.23
N ARG A 256 -7.57 -7.49 9.07
CA ARG A 256 -6.75 -7.05 10.18
C ARG A 256 -5.32 -6.61 9.84
N HIS A 257 -4.43 -6.33 10.79
CA HIS A 257 -3.05 -5.92 10.49
C HIS A 257 -2.19 -6.31 11.70
N GLY A 258 -0.93 -6.71 11.53
CA GLY A 258 0.00 -6.80 12.66
C GLY A 258 0.59 -5.42 12.86
N GLY A 259 1.60 -5.10 13.66
CA GLY A 259 2.02 -3.70 13.86
C GLY A 259 2.30 -2.86 12.59
N GLY A 260 2.71 -3.51 11.52
CA GLY A 260 3.99 -3.19 10.94
C GLY A 260 3.96 -2.52 9.59
N ALA A 261 4.95 -1.63 9.47
CA ALA A 261 5.13 -0.82 8.29
C ALA A 261 5.96 -1.44 7.21
N PHE A 262 5.72 -1.07 5.95
CA PHE A 262 6.49 -1.65 4.87
C PHE A 262 7.69 -0.82 4.44
N SER A 263 7.44 0.45 4.10
CA SER A 263 8.40 1.29 3.43
C SER A 263 9.70 1.52 4.19
N GLY A 264 10.79 1.50 3.43
CA GLY A 264 12.13 1.62 3.98
C GLY A 264 12.62 0.31 4.59
N LYS A 265 11.87 -0.78 4.51
CA LYS A 265 12.37 -2.06 4.92
C LYS A 265 12.66 -2.86 3.67
N ASP A 266 13.90 -3.33 3.66
CA ASP A 266 14.36 -4.30 2.68
C ASP A 266 13.67 -5.64 2.97
N PRO A 267 13.53 -6.55 2.00
CA PRO A 267 12.78 -7.81 2.13
C PRO A 267 13.18 -8.79 3.22
N SER A 268 14.37 -8.74 3.83
CA SER A 268 14.63 -9.60 4.97
C SER A 268 13.69 -9.35 6.15
N LYS A 269 13.06 -8.16 6.15
CA LYS A 269 12.09 -7.78 7.16
C LYS A 269 10.75 -8.49 6.96
N VAL A 270 10.43 -9.41 7.87
CA VAL A 270 9.17 -10.12 7.74
C VAL A 270 7.98 -9.22 7.74
N ASP A 271 8.04 -8.07 8.47
CA ASP A 271 6.93 -7.10 8.51
C ASP A 271 6.43 -6.85 7.10
N ARG A 272 7.38 -6.73 6.16
CA ARG A 272 7.03 -6.53 4.77
C ARG A 272 6.82 -7.85 4.02
N SER A 273 7.88 -8.64 3.90
CA SER A 273 7.86 -9.74 2.97
C SER A 273 6.85 -10.81 3.37
N ALA A 274 6.67 -11.08 4.67
CA ALA A 274 5.64 -12.01 5.10
C ALA A 274 4.28 -11.45 4.78
N ALA A 275 4.05 -10.15 4.90
CA ALA A 275 2.73 -9.60 4.60
C ALA A 275 2.45 -9.76 3.12
N TYR A 276 3.46 -9.47 2.31
CA TYR A 276 3.34 -9.64 0.87
C TYR A 276 3.06 -11.10 0.54
N ALA A 277 3.74 -12.01 1.23
CA ALA A 277 3.58 -13.41 0.96
C ALA A 277 2.18 -13.81 1.33
N ALA A 278 1.65 -13.31 2.43
CA ALA A 278 0.29 -13.64 2.85
C ALA A 278 -0.69 -13.17 1.79
N ARG A 279 -0.53 -11.98 1.22
CA ARG A 279 -1.41 -11.54 0.14
C ARG A 279 -1.37 -12.50 -1.01
N TYR A 280 -0.17 -13.00 -1.31
CA TYR A 280 -0.02 -13.99 -2.33
C TYR A 280 -0.76 -15.26 -1.96
N VAL A 281 -0.57 -15.87 -0.78
CA VAL A 281 -1.25 -17.13 -0.47
C VAL A 281 -2.78 -17.00 -0.48
N ALA A 282 -3.38 -16.00 0.17
CA ALA A 282 -4.82 -15.81 0.08
C ALA A 282 -5.29 -15.53 -1.35
N LYS A 283 -4.62 -14.69 -2.17
CA LYS A 283 -5.16 -14.37 -3.48
C LYS A 283 -5.19 -15.64 -4.32
N ASN A 284 -4.15 -16.46 -4.19
CA ASN A 284 -4.14 -17.74 -4.85
C ASN A 284 -5.28 -18.63 -4.39
N ILE A 285 -5.54 -18.76 -3.08
CA ILE A 285 -6.67 -19.52 -2.55
C ILE A 285 -7.99 -19.12 -3.21
N VAL A 286 -8.23 -17.82 -3.34
CA VAL A 286 -9.52 -17.36 -3.84
C VAL A 286 -9.60 -17.52 -5.34
N ALA A 287 -8.51 -17.35 -6.09
CA ALA A 287 -8.58 -17.53 -7.53
C ALA A 287 -8.87 -18.98 -7.88
N ALA A 288 -8.37 -19.91 -7.07
CA ALA A 288 -8.64 -21.33 -7.24
C ALA A 288 -10.05 -21.74 -6.84
N GLY A 289 -10.79 -20.85 -6.20
CA GLY A 289 -12.15 -21.12 -5.78
C GLY A 289 -12.19 -22.03 -4.56
N LEU A 290 -11.15 -22.09 -3.75
CA LEU A 290 -11.23 -22.84 -2.51
C LEU A 290 -12.08 -22.09 -1.48
N ALA A 291 -12.27 -20.79 -1.65
CA ALA A 291 -13.09 -19.99 -0.77
C ALA A 291 -13.41 -18.71 -1.48
N ASP A 292 -14.35 -17.96 -0.90
CA ASP A 292 -14.75 -16.67 -1.46
C ASP A 292 -13.99 -15.51 -0.87
N ARG A 293 -13.66 -15.63 0.42
CA ARG A 293 -13.03 -14.56 1.17
C ARG A 293 -12.00 -15.26 2.04
N CYS A 294 -10.79 -14.77 2.17
CA CYS A 294 -9.79 -15.48 2.93
C CYS A 294 -8.85 -14.47 3.57
N GLU A 295 -8.64 -14.58 4.88
CA GLU A 295 -7.69 -13.75 5.64
C GLU A 295 -6.71 -14.71 6.32
N ILE A 296 -5.40 -14.48 6.32
CA ILE A 296 -4.43 -15.42 6.89
C ILE A 296 -3.60 -14.65 7.90
N GLN A 297 -3.33 -15.25 9.06
CA GLN A 297 -2.36 -14.70 9.99
C GLN A 297 -1.15 -15.63 10.05
N VAL A 298 0.04 -15.11 9.73
CA VAL A 298 1.28 -15.84 9.91
C VAL A 298 2.08 -15.06 10.94
N SER A 299 2.84 -15.70 11.81
CA SER A 299 3.65 -14.99 12.78
C SER A 299 5.06 -15.55 12.74
N TYR A 300 6.02 -14.95 13.43
CA TYR A 300 7.38 -15.44 13.45
C TYR A 300 7.93 -15.21 14.82
N ALA A 301 9.02 -15.88 15.17
CA ALA A 301 9.69 -15.57 16.41
C ALA A 301 11.15 -15.52 16.04
N ILE A 302 11.87 -14.62 16.71
CA ILE A 302 13.21 -14.25 16.33
C ILE A 302 14.14 -15.44 16.41
N GLY A 303 14.80 -15.74 15.30
CA GLY A 303 15.74 -16.85 15.23
C GLY A 303 15.11 -18.22 14.99
N VAL A 304 13.78 -18.36 14.96
CA VAL A 304 13.15 -19.57 14.46
C VAL A 304 12.88 -19.32 13.00
N ALA A 305 12.94 -20.33 12.14
CA ALA A 305 12.69 -20.15 10.72
C ALA A 305 11.29 -20.54 10.28
N GLU A 306 10.72 -21.63 10.78
CA GLU A 306 9.35 -21.98 10.45
C GLU A 306 8.45 -21.00 11.19
N PRO A 307 7.34 -20.52 10.63
CA PRO A 307 6.37 -19.67 11.33
C PRO A 307 5.79 -20.31 12.57
N THR A 308 5.79 -19.58 13.67
CA THR A 308 5.13 -20.04 14.87
C THR A 308 3.63 -20.24 14.77
N SER A 309 2.90 -19.59 13.86
CA SER A 309 1.48 -19.86 13.76
C SER A 309 1.08 -19.55 12.34
N ILE A 310 0.11 -20.30 11.83
CA ILE A 310 -0.61 -19.99 10.61
C ILE A 310 -2.06 -20.15 11.03
N MET A 311 -2.96 -19.35 10.47
CA MET A 311 -4.38 -19.41 10.81
C MET A 311 -5.09 -19.03 9.53
N VAL A 312 -6.00 -19.81 8.96
CA VAL A 312 -6.78 -19.28 7.85
C VAL A 312 -8.19 -19.01 8.32
N GLU A 313 -8.81 -17.89 7.94
CA GLU A 313 -10.23 -17.73 8.09
C GLU A 313 -10.79 -17.42 6.72
N THR A 314 -11.59 -18.40 6.38
CA THR A 314 -12.48 -18.33 5.28
C THR A 314 -13.76 -18.24 6.08
N PHE A 315 -14.68 -17.35 5.77
CA PHE A 315 -15.69 -17.02 6.77
C PHE A 315 -16.91 -17.73 6.20
N GLY A 316 -17.04 -19.03 6.49
CA GLY A 316 -18.15 -19.82 5.99
C GLY A 316 -18.13 -19.95 4.47
N THR A 317 -17.04 -19.55 3.83
CA THR A 317 -16.99 -19.38 2.39
C THR A 317 -16.17 -20.47 1.71
N GLU A 318 -15.87 -21.55 2.42
CA GLU A 318 -14.94 -22.58 1.97
C GLU A 318 -15.56 -23.42 0.85
N LYS A 319 -14.75 -24.20 0.16
CA LYS A 319 -15.21 -25.29 -0.67
C LYS A 319 -14.40 -26.52 -0.31
N VAL A 320 -13.72 -26.49 0.84
CA VAL A 320 -12.83 -27.54 1.34
C VAL A 320 -12.73 -27.23 2.81
N PRO A 321 -12.67 -28.14 3.77
CA PRO A 321 -12.56 -27.78 5.18
C PRO A 321 -11.26 -27.06 5.46
N SER A 322 -11.33 -26.12 6.41
CA SER A 322 -10.14 -25.43 6.88
C SER A 322 -8.95 -26.30 7.22
N GLU A 323 -9.12 -27.56 7.63
CA GLU A 323 -7.99 -28.47 7.81
C GLU A 323 -7.21 -28.64 6.51
N GLN A 324 -7.82 -29.23 5.48
CA GLN A 324 -7.27 -29.26 4.13
C GLN A 324 -6.73 -27.94 3.64
N LEU A 325 -7.44 -26.84 3.86
CA LEU A 325 -6.90 -25.54 3.54
C LEU A 325 -5.57 -25.27 4.21
N THR A 326 -5.47 -25.47 5.53
CA THR A 326 -4.26 -25.15 6.25
C THR A 326 -3.14 -26.07 5.78
N LEU A 327 -3.48 -27.30 5.42
CA LEU A 327 -2.58 -28.27 4.82
C LEU A 327 -1.97 -27.61 3.58
N LEU A 328 -2.77 -27.34 2.55
CA LEU A 328 -2.29 -26.78 1.30
C LEU A 328 -1.48 -25.50 1.45
N VAL A 329 -1.86 -24.59 2.38
CA VAL A 329 -1.15 -23.34 2.61
C VAL A 329 0.26 -23.67 3.01
N ARG A 330 0.45 -24.50 4.04
CA ARG A 330 1.79 -24.87 4.46
C ARG A 330 2.38 -25.98 3.57
N GLU A 331 1.88 -26.14 2.33
CA GLU A 331 2.48 -27.00 1.36
C GLU A 331 2.93 -26.06 0.28
N PHE A 332 2.06 -25.47 -0.55
CA PHE A 332 2.47 -24.75 -1.75
C PHE A 332 3.30 -23.49 -1.57
N PHE A 333 3.55 -23.11 -0.32
CA PHE A 333 4.15 -21.85 0.00
C PHE A 333 5.21 -22.09 1.04
N ASP A 334 6.40 -21.58 0.73
CA ASP A 334 7.52 -21.63 1.65
C ASP A 334 7.44 -20.31 2.39
N LEU A 335 7.11 -20.43 3.67
CA LEU A 335 6.96 -19.26 4.50
C LEU A 335 8.08 -19.07 5.51
N ARG A 336 9.22 -19.77 5.33
CA ARG A 336 10.44 -19.41 6.03
C ARG A 336 10.87 -18.08 5.44
N PRO A 337 11.32 -17.09 6.23
CA PRO A 337 11.78 -15.79 5.77
C PRO A 337 12.50 -15.85 4.43
N TYR A 338 13.57 -16.64 4.31
CA TYR A 338 14.31 -16.65 3.05
C TYR A 338 13.58 -17.38 1.93
N GLY A 339 12.71 -18.28 2.35
CA GLY A 339 11.85 -18.97 1.42
C GLY A 339 10.93 -17.97 0.76
N LEU A 340 10.11 -17.23 1.50
CA LEU A 340 9.19 -16.31 0.87
C LEU A 340 9.88 -15.25 0.04
N ILE A 341 11.11 -14.91 0.41
CA ILE A 341 11.91 -14.04 -0.42
C ILE A 341 12.18 -14.69 -1.78
N GLN A 342 12.46 -15.98 -1.78
CA GLN A 342 12.72 -16.69 -3.02
C GLN A 342 11.45 -17.03 -3.77
N MET A 343 10.36 -17.26 -3.05
CA MET A 343 9.08 -17.61 -3.63
C MET A 343 8.53 -16.47 -4.47
N LEU A 344 8.84 -15.24 -4.06
CA LEU A 344 8.34 -14.07 -4.71
C LEU A 344 9.41 -13.25 -5.44
N ASP A 345 10.66 -13.69 -5.50
CA ASP A 345 11.78 -12.99 -6.12
C ASP A 345 11.89 -11.49 -5.86
N LEU A 346 12.20 -11.27 -4.58
CA LEU A 346 12.08 -9.94 -4.05
C LEU A 346 13.27 -9.04 -4.17
N LEU A 347 14.50 -9.54 -4.27
CA LEU A 347 15.66 -8.66 -4.25
C LEU A 347 15.81 -7.93 -5.56
N HIS A 348 15.02 -6.88 -5.73
CA HIS A 348 14.97 -6.08 -6.95
C HIS A 348 14.43 -4.74 -6.54
N PRO A 349 14.88 -3.63 -7.13
CA PRO A 349 14.29 -2.31 -6.95
C PRO A 349 12.91 -2.26 -7.59
N ILE A 350 11.88 -2.71 -6.89
CA ILE A 350 10.51 -2.60 -7.36
C ILE A 350 9.67 -1.83 -6.35
N TYR A 351 10.28 -1.24 -5.33
CA TYR A 351 9.55 -0.83 -4.16
C TYR A 351 9.03 0.58 -4.17
N LYS A 352 9.62 1.64 -4.76
CA LYS A 352 9.03 2.97 -4.76
C LYS A 352 7.63 2.97 -5.35
N GLU A 353 7.38 2.12 -6.35
CA GLU A 353 6.07 2.00 -6.97
C GLU A 353 5.07 1.53 -5.91
N THR A 354 5.46 0.67 -4.99
CA THR A 354 4.61 0.20 -3.91
C THR A 354 4.07 1.32 -2.99
N ALA A 355 4.76 2.47 -2.92
CA ALA A 355 4.63 3.39 -1.81
C ALA A 355 3.40 4.31 -1.75
N ALA A 356 2.68 4.37 -2.85
CA ALA A 356 1.50 5.19 -2.95
C ALA A 356 0.57 4.51 -3.93
N TYR A 357 -0.72 4.57 -3.58
CA TYR A 357 -1.83 3.92 -4.28
C TYR A 357 -2.07 2.48 -3.89
N GLY A 358 -1.26 1.96 -2.99
CA GLY A 358 -1.62 0.73 -2.32
C GLY A 358 -0.75 -0.39 -2.82
N HIS A 359 -0.38 -1.19 -1.84
CA HIS A 359 0.64 -2.19 -2.05
C HIS A 359 0.07 -3.38 -2.81
N PHE A 360 -1.23 -3.59 -2.59
CA PHE A 360 -1.91 -4.74 -3.13
C PHE A 360 -3.00 -4.26 -4.06
N GLY A 361 -3.53 -5.16 -4.88
CA GLY A 361 -4.57 -4.85 -5.81
C GLY A 361 -4.01 -4.46 -7.16
N ARG A 362 -2.70 -4.33 -7.30
CA ARG A 362 -2.17 -3.76 -8.52
C ARG A 362 -1.41 -4.89 -9.15
N GLU A 363 -2.10 -5.63 -10.00
CA GLU A 363 -1.69 -6.91 -10.59
C GLU A 363 -0.26 -7.16 -11.07
N HIS A 364 0.64 -6.18 -11.18
CA HIS A 364 1.98 -6.44 -11.69
C HIS A 364 3.00 -6.60 -10.59
N PHE A 365 2.61 -6.90 -9.37
CA PHE A 365 3.58 -7.04 -8.31
C PHE A 365 3.76 -8.52 -8.08
N PRO A 366 4.91 -9.04 -7.67
CA PRO A 366 5.13 -10.48 -7.48
C PRO A 366 4.08 -11.15 -6.59
N TRP A 367 3.54 -10.42 -5.61
CA TRP A 367 2.61 -10.99 -4.65
C TRP A 367 1.17 -11.03 -5.17
N GLU A 368 0.93 -10.43 -6.34
CA GLU A 368 -0.36 -10.42 -6.97
C GLU A 368 -0.57 -11.53 -8.01
N LYS A 369 0.44 -12.39 -8.27
CA LYS A 369 0.33 -13.45 -9.25
C LYS A 369 -0.52 -14.60 -8.77
N THR A 370 -1.35 -15.15 -9.65
CA THR A 370 -2.12 -16.33 -9.32
C THR A 370 -1.70 -17.63 -10.00
N ASP A 371 -0.40 -17.71 -10.18
CA ASP A 371 0.27 -18.84 -10.80
C ASP A 371 0.00 -20.15 -10.06
N LYS A 372 -0.22 -20.11 -8.75
CA LYS A 372 -0.51 -21.32 -8.02
C LYS A 372 -1.96 -21.70 -7.96
N ALA A 373 -2.84 -20.94 -8.63
CA ALA A 373 -4.26 -21.21 -8.74
C ALA A 373 -4.61 -22.69 -8.93
N GLN A 374 -4.20 -23.27 -10.05
CA GLN A 374 -4.61 -24.62 -10.40
C GLN A 374 -4.09 -25.65 -9.41
N LEU A 375 -2.82 -25.58 -9.08
CA LEU A 375 -2.18 -26.58 -8.24
C LEU A 375 -2.91 -26.65 -6.92
N LEU A 376 -3.30 -25.49 -6.40
CA LEU A 376 -4.13 -25.43 -5.20
C LEU A 376 -5.47 -26.07 -5.40
N ARG A 377 -6.10 -25.80 -6.53
CA ARG A 377 -7.38 -26.41 -6.86
C ARG A 377 -7.28 -27.94 -6.83
N ASP A 378 -6.27 -28.48 -7.53
CA ASP A 378 -6.02 -29.89 -7.73
C ASP A 378 -5.87 -30.63 -6.45
N ALA A 379 -4.79 -30.33 -5.75
CA ALA A 379 -4.52 -30.94 -4.46
C ALA A 379 -5.66 -30.74 -3.48
N ALA A 380 -6.45 -29.67 -3.57
CA ALA A 380 -7.62 -29.54 -2.73
C ALA A 380 -8.83 -30.19 -3.38
N GLY A 381 -8.68 -31.40 -3.91
CA GLY A 381 -9.77 -32.11 -4.57
C GLY A 381 -10.27 -31.33 -5.79
N LEU A 382 -9.64 -31.59 -6.93
CA LEU A 382 -10.03 -31.05 -8.22
C LEU A 382 -11.53 -30.98 -8.49
N LYS A 383 -11.85 -29.81 -9.02
CA LYS A 383 -13.20 -29.37 -9.34
C LYS A 383 -13.06 -28.62 -10.67
#